data_3U8Q
#
_entry.id   3U8Q
#
_cell.length_a   62.437
_cell.length_b   49.918
_cell.length_c   65.486
_cell.angle_alpha   90.00
_cell.angle_beta   107.26
_cell.angle_gamma   90.00
#
_symmetry.space_group_name_H-M   'P 1 21 1'
#
loop_
_entity.id
_entity.type
_entity.pdbx_description
1 polymer Lactotransferrin
2 polymer 'C-terminal peptide of Lactotransferrin'
3 branched 2-acetamido-2-deoxy-beta-D-glucopyranose-(1-4)-2-acetamido-2-deoxy-beta-D-glucopyranose
4 non-polymer 2-acetamido-2-deoxy-beta-D-glucopyranose
5 non-polymer 'FE (III) ION'
6 non-polymer 'ZINC ION'
7 non-polymer 'CARBONATE ION'
8 non-polymer 'SULFATE ION'
9 non-polymer (1R,2R)-2-amino-1-phenylpropan-1-ol
10 water water
#
loop_
_entity_poly.entity_id
_entity_poly.type
_entity_poly.pdbx_seq_one_letter_code
_entity_poly.pdbx_strand_id
1 'polypeptide(L)'
;YTRVVWCAVGPEEQKKCQQWSQQSGQNVTCATASTTDDCIVLVLKGEADALNLDGGYIYTAGKCGLVPVLAENRKSSKHS
SLDCVLRPTEGYLAVAVVKKANEGLTWNSLKDKKSCHTAVDRTAGWNIPMGLIVNQTGSCAFDEFFSQSCAPGADPKSRL
CALCAGDDQGLDKCVPNSKEKYYGYTGAFRCLAEDVGDVAFVKNDTVWENTNGESTADWAKNLKREDFRLLCLDGTRKPV
TEAQSCHLAVAPNHAVVSRSDRAAHVEQVLLHQQALFGKNGKNCPDKFCLFKSETKNLLFNDNTECLAKLGGRPTYEEYL
GTEYVTAIANLKKCS
;
A
2 'polypeptide(L)' LEACAF B
#
loop_
_chem_comp.id
_chem_comp.type
_chem_comp.name
_chem_comp.formula
CO3 non-polymer 'CARBONATE ION' 'C O3 -2'
FE non-polymer 'FE (III) ION' 'Fe 3'
NAG D-saccharide, beta linking 2-acetamido-2-deoxy-beta-D-glucopyranose 'C8 H15 N O6'
NPU non-polymer (1R,2R)-2-amino-1-phenylpropan-1-ol 'C9 H13 N O'
SO4 non-polymer 'SULFATE ION' 'O4 S -2'
ZN non-polymer 'ZINC ION' 'Zn 2'
#
# COMPACT_ATOMS: atom_id res chain seq x y z
N TYR A 1 1.09 -9.95 -28.85
CA TYR A 1 0.60 -10.70 -27.66
C TYR A 1 1.55 -11.83 -27.20
N THR A 2 1.58 -12.06 -25.90
CA THR A 2 2.38 -13.12 -25.29
C THR A 2 1.99 -13.26 -23.81
N ARG A 3 2.74 -14.02 -23.04
CA ARG A 3 2.42 -14.22 -21.63
C ARG A 3 3.01 -13.10 -20.76
N VAL A 4 2.25 -12.63 -19.78
CA VAL A 4 2.73 -11.59 -18.91
C VAL A 4 3.15 -12.29 -17.63
N VAL A 5 4.39 -12.03 -17.21
CA VAL A 5 4.89 -12.64 -15.99
C VAL A 5 4.70 -11.64 -14.84
N TRP A 6 3.80 -11.98 -13.92
CA TRP A 6 3.53 -11.11 -12.78
C TRP A 6 4.52 -11.40 -11.67
N CYS A 7 4.80 -10.42 -10.82
CA CYS A 7 5.72 -10.66 -9.72
C CYS A 7 4.95 -10.58 -8.41
N ALA A 8 4.95 -11.70 -7.70
CA ALA A 8 4.27 -11.81 -6.43
C ALA A 8 5.26 -11.58 -5.30
N VAL A 9 4.83 -10.81 -4.31
CA VAL A 9 5.68 -10.50 -3.17
C VAL A 9 5.30 -11.41 -2.00
N GLY A 10 6.11 -12.44 -1.75
CA GLY A 10 5.83 -13.35 -0.65
C GLY A 10 5.01 -14.54 -1.09
N PRO A 11 4.92 -15.59 -0.25
CA PRO A 11 4.18 -16.82 -0.53
C PRO A 11 2.66 -16.75 -0.66
N GLU A 12 2.01 -15.79 0.01
CA GLU A 12 0.56 -15.71 -0.10
C GLU A 12 0.19 -15.09 -1.45
N GLU A 13 0.92 -14.06 -1.86
CA GLU A 13 0.64 -13.46 -3.16
C GLU A 13 0.99 -14.48 -4.24
N GLN A 14 2.03 -15.27 -4.00
CA GLN A 14 2.45 -16.28 -4.97
C GLN A 14 1.29 -17.25 -5.19
N LYS A 15 0.65 -17.67 -4.11
CA LYS A 15 -0.46 -18.59 -4.21
C LYS A 15 -1.60 -18.00 -5.01
N LYS A 16 -1.97 -16.75 -4.73
CA LYS A 16 -3.05 -16.11 -5.47
C LYS A 16 -2.65 -15.97 -6.93
N CYS A 17 -1.39 -15.65 -7.17
CA CYS A 17 -0.91 -15.50 -8.53
C CYS A 17 -1.00 -16.81 -9.29
N GLN A 18 -0.71 -17.91 -8.61
CA GLN A 18 -0.77 -19.22 -9.25
C GLN A 18 -2.20 -19.57 -9.64
N GLN A 19 -3.16 -19.18 -8.80
CA GLN A 19 -4.56 -19.46 -9.10
C GLN A 19 -4.96 -18.63 -10.32
N TRP A 20 -4.52 -17.38 -10.34
CA TRP A 20 -4.80 -16.48 -11.46
C TRP A 20 -4.18 -17.05 -12.73
N SER A 21 -2.94 -17.51 -12.63
CA SER A 21 -2.23 -18.10 -13.76
C SER A 21 -3.05 -19.27 -14.32
N GLN A 22 -3.43 -20.17 -13.42
CA GLN A 22 -4.20 -21.34 -13.83
C GLN A 22 -5.49 -20.95 -14.56
N GLN A 23 -6.27 -20.06 -13.95
CA GLN A 23 -7.53 -19.58 -14.54
C GLN A 23 -7.36 -18.81 -15.84
N SER A 24 -6.20 -18.19 -16.03
CA SER A 24 -5.94 -17.42 -17.24
C SER A 24 -5.41 -18.31 -18.34
N GLY A 25 -5.22 -19.59 -18.03
CA GLY A 25 -4.69 -20.50 -19.03
C GLY A 25 -3.27 -20.11 -19.39
N GLN A 26 -2.52 -19.69 -18.37
CA GLN A 26 -1.14 -19.29 -18.51
C GLN A 26 -0.91 -18.03 -19.32
N ASN A 27 -1.95 -17.22 -19.48
CA ASN A 27 -1.81 -15.94 -20.16
C ASN A 27 -1.02 -15.02 -19.24
N VAL A 28 -1.03 -15.39 -17.97
CA VAL A 28 -0.30 -14.74 -16.93
C VAL A 28 0.39 -15.86 -16.18
N THR A 29 1.68 -15.69 -15.90
CA THR A 29 2.42 -16.68 -15.14
C THR A 29 3.04 -15.92 -13.97
N CYS A 30 3.66 -16.63 -13.04
CA CYS A 30 4.21 -16.00 -11.87
C CYS A 30 5.68 -16.17 -11.54
N ALA A 31 6.24 -15.07 -11.04
CA ALA A 31 7.59 -15.00 -10.56
C ALA A 31 7.33 -14.52 -9.13
N THR A 32 8.14 -14.93 -8.19
CA THR A 32 7.91 -14.50 -6.83
C THR A 32 9.21 -14.11 -6.16
N ALA A 33 9.14 -13.09 -5.31
CA ALA A 33 10.30 -12.59 -4.59
C ALA A 33 9.86 -12.30 -3.16
N SER A 34 10.83 -12.16 -2.26
CA SER A 34 10.53 -11.90 -0.85
C SER A 34 10.14 -10.46 -0.54
N THR A 35 10.57 -9.52 -1.36
CA THR A 35 10.24 -8.13 -1.11
C THR A 35 9.87 -7.41 -2.39
N THR A 36 9.22 -6.27 -2.25
CA THR A 36 8.82 -5.49 -3.40
C THR A 36 10.05 -5.02 -4.16
N ASP A 37 11.10 -4.65 -3.44
CA ASP A 37 12.33 -4.21 -4.10
C ASP A 37 12.92 -5.34 -4.93
N ASP A 38 12.86 -6.57 -4.43
CA ASP A 38 13.38 -7.71 -5.18
C ASP A 38 12.54 -7.91 -6.43
N CYS A 39 11.24 -7.68 -6.33
CA CYS A 39 10.37 -7.83 -7.49
C CYS A 39 10.71 -6.75 -8.51
N ILE A 40 11.01 -5.56 -8.02
CA ILE A 40 11.39 -4.44 -8.90
C ILE A 40 12.64 -4.81 -9.68
N VAL A 41 13.55 -5.52 -9.02
CA VAL A 41 14.78 -5.98 -9.67
C VAL A 41 14.51 -7.07 -10.71
N LEU A 42 13.60 -7.99 -10.40
CA LEU A 42 13.27 -9.04 -11.36
C LEU A 42 12.71 -8.41 -12.63
N VAL A 43 11.90 -7.37 -12.46
CA VAL A 43 11.32 -6.69 -13.61
C VAL A 43 12.42 -5.99 -14.40
N LEU A 44 13.34 -5.35 -13.69
CA LEU A 44 14.44 -4.65 -14.36
C LEU A 44 15.30 -5.62 -15.16
N LYS A 45 15.45 -6.84 -14.64
CA LYS A 45 16.24 -7.86 -15.34
C LYS A 45 15.46 -8.50 -16.48
N GLY A 46 14.15 -8.26 -16.52
CA GLY A 46 13.31 -8.81 -17.56
C GLY A 46 12.84 -10.21 -17.21
N GLU A 47 13.02 -10.59 -15.94
CA GLU A 47 12.61 -11.90 -15.48
C GLU A 47 11.16 -11.94 -15.01
N ALA A 48 10.55 -10.76 -14.93
CA ALA A 48 9.16 -10.60 -14.55
C ALA A 48 8.72 -9.39 -15.38
N ASP A 49 7.43 -9.29 -15.69
CA ASP A 49 6.95 -8.17 -16.48
C ASP A 49 6.35 -7.03 -15.69
N ALA A 50 5.62 -7.34 -14.64
CA ALA A 50 4.98 -6.29 -13.88
C ALA A 50 4.45 -6.68 -12.51
N LEU A 51 4.01 -5.66 -11.78
CA LEU A 51 3.42 -5.79 -10.47
C LEU A 51 2.79 -4.46 -10.10
N ASN A 52 1.81 -4.53 -9.19
CA ASN A 52 1.09 -3.36 -8.71
C ASN A 52 1.87 -2.81 -7.52
N LEU A 53 2.09 -1.49 -7.50
CA LEU A 53 2.89 -0.85 -6.45
C LEU A 53 2.29 0.35 -5.75
N ASP A 54 2.66 0.49 -4.48
CA ASP A 54 2.25 1.64 -3.69
C ASP A 54 3.08 2.79 -4.28
N GLY A 55 2.62 4.02 -4.09
CA GLY A 55 3.32 5.18 -4.62
C GLY A 55 4.79 5.30 -4.27
N GLY A 56 5.15 5.00 -3.03
CA GLY A 56 6.53 5.08 -2.61
C GLY A 56 7.41 4.13 -3.39
N TYR A 57 6.86 2.96 -3.72
CA TYR A 57 7.60 1.97 -4.48
C TYR A 57 7.66 2.38 -5.96
N ILE A 58 6.64 3.10 -6.42
CA ILE A 58 6.62 3.57 -7.80
C ILE A 58 7.78 4.53 -7.99
N TYR A 59 8.10 5.27 -6.93
CA TYR A 59 9.20 6.23 -6.95
C TYR A 59 10.52 5.47 -7.16
N THR A 60 10.68 4.36 -6.45
CA THR A 60 11.88 3.53 -6.56
C THR A 60 11.97 2.93 -7.95
N ALA A 61 10.86 2.36 -8.40
CA ALA A 61 10.78 1.73 -9.71
C ALA A 61 11.01 2.77 -10.81
N GLY A 62 10.40 3.94 -10.67
CA GLY A 62 10.54 4.98 -11.67
C GLY A 62 11.97 5.46 -11.81
N LYS A 63 12.64 5.66 -10.71
CA LYS A 63 14.02 6.06 -10.73
C LYS A 63 14.85 5.05 -11.54
N CYS A 64 14.43 3.82 -11.54
CA CYS A 64 15.12 2.78 -12.27
C CYS A 64 14.61 2.58 -13.70
N GLY A 65 13.72 3.45 -14.14
CA GLY A 65 13.22 3.35 -15.50
C GLY A 65 11.90 2.67 -15.75
N LEU A 66 11.27 2.13 -14.72
CA LEU A 66 9.98 1.46 -14.93
C LEU A 66 8.91 2.55 -15.03
N VAL A 67 7.82 2.24 -15.73
CA VAL A 67 6.77 3.21 -15.95
C VAL A 67 5.40 2.76 -15.48
N PRO A 68 4.54 3.71 -15.07
CA PRO A 68 3.19 3.32 -14.63
C PRO A 68 2.39 2.90 -15.86
N VAL A 69 1.55 1.87 -15.71
CA VAL A 69 0.77 1.32 -16.81
C VAL A 69 -0.74 1.51 -16.69
N LEU A 70 -1.26 1.16 -15.52
CA LEU A 70 -2.68 1.29 -15.21
C LEU A 70 -2.73 1.54 -13.71
N ALA A 71 -3.73 2.27 -13.26
CA ALA A 71 -3.85 2.58 -11.84
C ALA A 71 -5.07 1.93 -11.20
N GLU A 72 -4.98 1.61 -9.92
CA GLU A 72 -6.12 1.04 -9.19
C GLU A 72 -7.16 2.15 -9.13
N ASN A 73 -8.43 1.79 -9.27
CA ASN A 73 -9.52 2.75 -9.20
C ASN A 73 -10.56 2.10 -8.28
N ARG A 74 -10.89 2.74 -7.16
CA ARG A 74 -11.86 2.17 -6.22
C ARG A 74 -13.29 2.65 -6.47
N LYS A 75 -14.22 2.22 -5.61
CA LYS A 75 -15.62 2.64 -5.79
C LYS A 75 -15.69 4.16 -5.79
N SER A 76 -15.68 4.71 -7.00
CA SER A 76 -15.70 6.14 -7.25
C SER A 76 -16.33 7.07 -6.23
N SER A 77 -15.54 8.02 -5.76
CA SER A 77 -15.99 9.03 -4.81
C SER A 77 -16.82 10.03 -5.60
N LYS A 78 -16.20 10.60 -6.63
CA LYS A 78 -16.87 11.57 -7.49
C LYS A 78 -17.98 10.91 -8.33
N HIS A 79 -19.21 11.35 -8.08
CA HIS A 79 -20.38 10.85 -8.81
C HIS A 79 -20.13 11.08 -10.30
N SER A 80 -19.62 10.05 -10.96
CA SER A 80 -19.24 10.10 -12.37
C SER A 80 -20.23 9.63 -13.43
N SER A 81 -19.88 9.90 -14.69
CA SER A 81 -20.66 9.57 -15.86
C SER A 81 -19.82 8.71 -16.82
N LEU A 82 -18.64 8.32 -16.37
CA LEU A 82 -17.73 7.52 -17.20
C LEU A 82 -17.43 6.15 -16.57
N ASP A 83 -17.04 5.19 -17.42
CA ASP A 83 -16.72 3.84 -16.97
C ASP A 83 -15.50 3.86 -16.05
N CYS A 84 -15.38 2.87 -15.18
CA CYS A 84 -14.27 2.81 -14.24
C CYS A 84 -12.90 2.87 -14.93
N VAL A 85 -12.74 2.07 -15.99
CA VAL A 85 -11.48 2.03 -16.72
C VAL A 85 -11.07 3.38 -17.32
N LEU A 86 -12.03 4.25 -17.58
CA LEU A 86 -11.72 5.57 -18.16
C LEU A 86 -11.74 6.70 -17.14
N ARG A 87 -12.27 6.42 -15.95
CA ARG A 87 -12.38 7.38 -14.86
C ARG A 87 -11.02 7.79 -14.30
N PRO A 88 -10.81 9.09 -14.03
CA PRO A 88 -9.49 9.46 -13.49
C PRO A 88 -9.44 8.92 -12.07
N THR A 89 -8.24 8.73 -11.53
CA THR A 89 -8.13 8.24 -10.16
C THR A 89 -8.04 9.47 -9.26
N GLU A 90 -8.64 9.40 -8.07
CA GLU A 90 -8.65 10.53 -7.14
C GLU A 90 -7.51 10.60 -6.13
N GLY A 91 -7.11 9.44 -5.64
CA GLY A 91 -6.06 9.37 -4.64
C GLY A 91 -6.71 8.92 -3.36
N TYR A 92 -5.92 8.40 -2.43
CA TYR A 92 -6.52 7.96 -1.19
C TYR A 92 -6.00 8.83 -0.05
N LEU A 93 -6.72 8.82 1.05
CA LEU A 93 -6.37 9.64 2.20
C LEU A 93 -5.47 8.96 3.21
N ALA A 94 -4.25 9.48 3.33
CA ALA A 94 -3.32 8.96 4.32
C ALA A 94 -3.76 9.54 5.65
N VAL A 95 -3.91 8.68 6.66
CA VAL A 95 -4.33 9.14 7.97
C VAL A 95 -3.50 8.52 9.08
N ALA A 96 -3.60 9.11 10.27
CA ALA A 96 -2.92 8.63 11.46
C ALA A 96 -4.08 8.22 12.35
N VAL A 97 -4.13 6.96 12.77
CA VAL A 97 -5.22 6.46 13.59
C VAL A 97 -4.77 6.03 14.99
N VAL A 98 -5.60 6.34 15.99
CA VAL A 98 -5.31 5.96 17.36
C VAL A 98 -6.58 5.46 18.02
N LYS A 99 -6.45 4.89 19.22
CA LYS A 99 -7.62 4.40 19.94
C LYS A 99 -8.25 5.60 20.65
N LYS A 100 -9.57 5.69 20.62
CA LYS A 100 -10.24 6.80 21.29
C LYS A 100 -9.87 6.82 22.78
N ALA A 101 -9.76 5.63 23.36
CA ALA A 101 -9.44 5.48 24.77
C ALA A 101 -8.05 6.01 25.13
N ASN A 102 -7.17 6.10 24.14
CA ASN A 102 -5.81 6.63 24.38
C ASN A 102 -6.00 8.15 24.31
N GLU A 103 -6.67 8.68 25.32
CA GLU A 103 -7.03 10.10 25.37
C GLU A 103 -6.07 11.27 25.24
N GLY A 104 -4.86 11.20 25.79
CA GLY A 104 -3.95 12.32 25.68
C GLY A 104 -3.25 12.50 24.33
N LEU A 105 -3.32 11.47 23.50
CA LEU A 105 -2.64 11.42 22.21
C LEU A 105 -3.14 12.26 21.02
N THR A 106 -2.25 13.11 20.51
CA THR A 106 -2.53 13.95 19.35
C THR A 106 -1.29 13.94 18.47
N TRP A 107 -1.39 14.60 17.32
CA TRP A 107 -0.27 14.69 16.42
C TRP A 107 0.95 15.28 17.15
N ASN A 108 0.68 16.18 18.08
CA ASN A 108 1.73 16.85 18.82
C ASN A 108 2.33 16.14 20.02
N SER A 109 1.82 14.96 20.36
CA SER A 109 2.37 14.20 21.49
C SER A 109 2.77 12.79 21.04
N LEU A 110 3.12 12.66 19.76
CA LEU A 110 3.51 11.38 19.19
C LEU A 110 4.90 10.91 19.59
N LYS A 111 5.79 11.86 19.93
CA LYS A 111 7.14 11.49 20.29
C LYS A 111 7.19 10.46 21.43
N ASP A 112 8.05 9.47 21.26
CA ASP A 112 8.25 8.39 22.22
C ASP A 112 7.09 7.42 22.40
N LYS A 113 6.12 7.48 21.49
CA LYS A 113 4.99 6.57 21.54
C LYS A 113 5.34 5.38 20.65
N LYS A 114 4.46 4.40 20.56
CA LYS A 114 4.68 3.21 19.74
C LYS A 114 3.92 3.37 18.43
N SER A 115 4.57 3.11 17.30
CA SER A 115 3.93 3.26 16.00
C SER A 115 3.84 2.01 15.12
N CYS A 116 2.82 2.00 14.27
CA CYS A 116 2.58 0.90 13.36
C CYS A 116 2.59 1.46 11.92
N HIS A 117 3.47 0.94 11.08
CA HIS A 117 3.60 1.40 9.69
C HIS A 117 3.34 0.27 8.72
N THR A 118 2.82 0.61 7.54
CA THR A 118 2.53 -0.42 6.53
C THR A 118 3.85 -1.08 6.14
N ALA A 119 4.86 -0.24 5.90
CA ALA A 119 6.20 -0.71 5.54
C ALA A 119 7.06 0.50 5.26
N VAL A 120 8.36 0.37 5.48
CA VAL A 120 9.27 1.47 5.17
C VAL A 120 9.10 1.76 3.67
N ASP A 121 9.22 3.03 3.29
CA ASP A 121 9.11 3.44 1.89
C ASP A 121 7.73 3.54 1.27
N ARG A 122 6.69 3.12 1.99
CA ARG A 122 5.34 3.20 1.44
C ARG A 122 4.75 4.59 1.75
N THR A 123 3.83 5.04 0.90
CA THR A 123 3.25 6.37 1.02
C THR A 123 2.58 6.75 2.37
N ALA A 124 1.43 6.16 2.66
CA ALA A 124 0.72 6.49 3.90
C ALA A 124 1.41 5.94 5.14
N GLY A 125 2.00 4.75 5.00
CA GLY A 125 2.64 4.14 6.16
C GLY A 125 3.99 4.72 6.52
N TRP A 126 4.65 5.40 5.59
CA TRP A 126 5.98 5.90 5.88
C TRP A 126 6.41 7.27 5.33
N ASN A 127 6.44 7.42 4.01
CA ASN A 127 6.87 8.67 3.40
C ASN A 127 6.14 9.92 3.88
N ILE A 128 4.81 9.86 3.96
CA ILE A 128 4.05 11.01 4.41
C ILE A 128 4.28 11.30 5.89
N PRO A 129 3.97 10.33 6.78
CA PRO A 129 4.19 10.64 8.20
C PRO A 129 5.63 10.95 8.64
N MET A 130 6.62 10.20 8.15
CA MET A 130 8.00 10.46 8.55
C MET A 130 8.54 11.72 7.88
N GLY A 131 8.03 12.05 6.70
CA GLY A 131 8.47 13.25 6.02
C GLY A 131 8.00 14.45 6.83
N LEU A 132 6.76 14.37 7.30
CA LEU A 132 6.17 15.42 8.11
C LEU A 132 6.89 15.56 9.44
N ILE A 133 7.14 14.43 10.09
CA ILE A 133 7.83 14.40 11.37
C ILE A 133 9.27 14.90 11.28
N VAL A 134 9.99 14.51 10.24
CA VAL A 134 11.38 14.94 10.07
C VAL A 134 11.39 16.46 9.92
N ASN A 135 10.47 16.96 9.12
CA ASN A 135 10.33 18.36 8.83
C ASN A 135 10.03 19.16 10.08
N GLN A 136 9.07 18.72 10.85
CA GLN A 136 8.63 19.40 12.05
C GLN A 136 9.65 19.32 13.17
N THR A 137 10.36 18.19 13.29
CA THR A 137 11.35 18.08 14.34
C THR A 137 12.68 18.68 13.90
N GLY A 138 12.78 18.98 12.61
CA GLY A 138 14.00 19.54 12.07
C GLY A 138 15.16 18.57 12.24
N SER A 139 14.81 17.30 12.41
CA SER A 139 15.79 16.24 12.60
C SER A 139 15.59 15.00 11.73
N CYS A 140 16.70 14.50 11.21
CA CYS A 140 16.72 13.32 10.34
C CYS A 140 16.72 11.99 11.13
N ALA A 141 16.73 12.07 12.45
CA ALA A 141 16.74 10.86 13.28
C ALA A 141 15.35 10.28 13.48
N PHE A 142 14.67 10.03 12.37
CA PHE A 142 13.32 9.48 12.41
C PHE A 142 13.29 8.08 13.01
N ASP A 143 14.46 7.50 13.22
CA ASP A 143 14.55 6.17 13.78
C ASP A 143 14.64 6.24 15.30
N GLU A 144 14.57 7.47 15.82
CA GLU A 144 14.65 7.71 17.25
C GLU A 144 13.46 8.52 17.75
N PHE A 145 12.50 8.79 16.86
CA PHE A 145 11.31 9.56 17.25
C PHE A 145 10.34 8.72 18.07
N PHE A 146 9.94 7.57 17.55
CA PHE A 146 9.02 6.69 18.28
C PHE A 146 9.88 5.77 19.15
N SER A 147 9.36 5.36 20.30
CA SER A 147 10.13 4.48 21.19
C SER A 147 10.31 3.09 20.59
N GLN A 148 9.25 2.59 19.96
CA GLN A 148 9.26 1.28 19.30
C GLN A 148 8.28 1.36 18.14
N SER A 149 8.47 0.52 17.14
CA SER A 149 7.59 0.50 15.98
C SER A 149 7.63 -0.83 15.26
N CYS A 150 6.69 -0.99 14.35
CA CYS A 150 6.69 -2.13 13.46
C CYS A 150 6.66 -1.41 12.12
N ALA A 151 7.80 -1.42 11.46
CA ALA A 151 7.95 -0.77 10.17
C ALA A 151 8.64 -1.81 9.29
N PRO A 152 7.86 -2.75 8.73
CA PRO A 152 8.40 -3.80 7.88
C PRO A 152 9.40 -3.26 6.87
N GLY A 153 10.57 -3.88 6.82
CA GLY A 153 11.59 -3.45 5.89
C GLY A 153 12.79 -2.81 6.57
N ALA A 154 12.62 -2.42 7.82
CA ALA A 154 13.71 -1.82 8.59
C ALA A 154 14.59 -2.93 9.17
N ASP A 155 15.68 -2.53 9.82
CA ASP A 155 16.60 -3.50 10.45
C ASP A 155 15.84 -4.26 11.54
N PRO A 156 15.75 -5.59 11.40
CA PRO A 156 15.05 -6.46 12.36
C PRO A 156 15.47 -6.32 13.82
N LYS A 157 16.70 -5.90 14.06
CA LYS A 157 17.16 -5.76 15.44
C LYS A 157 16.96 -4.34 15.98
N SER A 158 16.49 -3.44 15.12
CA SER A 158 16.26 -2.05 15.51
C SER A 158 14.90 -1.80 16.16
N ARG A 159 14.77 -0.63 16.78
CA ARG A 159 13.55 -0.21 17.45
C ARG A 159 12.40 -0.15 16.44
N LEU A 160 12.73 0.13 15.18
CA LEU A 160 11.72 0.22 14.14
C LEU A 160 11.04 -1.10 13.84
N CYS A 161 11.62 -2.19 14.30
CA CYS A 161 11.07 -3.51 14.08
C CYS A 161 10.63 -4.20 15.36
N ALA A 162 10.92 -3.56 16.49
CA ALA A 162 10.61 -4.13 17.79
C ALA A 162 9.19 -4.64 17.95
N LEU A 163 8.21 -3.95 17.37
CA LEU A 163 6.81 -4.35 17.49
C LEU A 163 6.30 -5.36 16.48
N CYS A 164 7.08 -5.62 15.44
CA CYS A 164 6.66 -6.58 14.42
C CYS A 164 6.65 -7.99 15.00
N ALA A 165 5.74 -8.84 14.51
CA ALA A 165 5.58 -10.18 15.05
C ALA A 165 5.99 -11.38 14.18
N GLY A 166 6.31 -11.16 12.92
CA GLY A 166 6.69 -12.27 12.06
C GLY A 166 5.48 -13.13 11.70
N ASP A 167 5.72 -14.34 11.19
CA ASP A 167 4.62 -15.23 10.78
C ASP A 167 4.11 -16.12 11.90
N ASP A 168 3.23 -17.06 11.55
CA ASP A 168 2.64 -17.99 12.51
C ASP A 168 3.68 -18.55 13.47
N GLN A 169 4.76 -19.05 12.90
CA GLN A 169 5.85 -19.66 13.65
C GLN A 169 6.78 -18.64 14.28
N GLY A 170 6.43 -17.37 14.17
CA GLY A 170 7.27 -16.33 14.75
C GLY A 170 8.54 -16.07 13.95
N LEU A 171 8.56 -16.55 12.71
CA LEU A 171 9.71 -16.35 11.82
C LEU A 171 9.46 -15.11 10.96
N ASP A 172 10.49 -14.66 10.25
CA ASP A 172 10.39 -13.54 9.34
C ASP A 172 9.93 -12.22 9.96
N LYS A 173 10.27 -12.01 11.22
CA LYS A 173 9.92 -10.78 11.90
C LYS A 173 10.38 -9.57 11.06
N CYS A 174 9.45 -8.64 10.82
CA CYS A 174 9.72 -7.42 10.06
C CYS A 174 9.93 -7.55 8.56
N VAL A 175 9.70 -8.72 7.97
CA VAL A 175 9.87 -8.83 6.53
C VAL A 175 8.77 -8.01 5.87
N PRO A 176 9.10 -7.26 4.81
CA PRO A 176 8.09 -6.47 4.13
C PRO A 176 7.20 -7.22 3.14
N ASN A 177 6.50 -8.23 3.63
CA ASN A 177 5.55 -8.99 2.81
C ASN A 177 4.48 -9.51 3.78
N SER A 178 3.36 -9.98 3.23
CA SER A 178 2.24 -10.44 4.05
C SER A 178 2.48 -11.52 5.10
N LYS A 179 3.67 -12.12 5.14
CA LYS A 179 3.94 -13.14 6.17
C LYS A 179 4.08 -12.47 7.52
N GLU A 180 4.51 -11.21 7.52
CA GLU A 180 4.63 -10.43 8.74
C GLU A 180 3.21 -10.04 9.14
N LYS A 181 2.81 -10.47 10.33
CA LYS A 181 1.48 -10.21 10.87
C LYS A 181 1.03 -8.75 10.76
N TYR A 182 1.94 -7.82 11.03
CA TYR A 182 1.58 -6.41 10.97
C TYR A 182 2.00 -5.66 9.69
N TYR A 183 2.11 -6.39 8.59
CA TYR A 183 2.49 -5.81 7.32
C TYR A 183 1.31 -5.20 6.57
N GLY A 184 1.59 -4.13 5.82
CA GLY A 184 0.58 -3.50 5.00
C GLY A 184 -0.49 -2.72 5.74
N TYR A 185 -1.49 -2.26 5.00
CA TYR A 185 -2.59 -1.50 5.59
C TYR A 185 -3.28 -2.26 6.71
N THR A 186 -3.70 -3.48 6.42
CA THR A 186 -4.43 -4.27 7.41
C THR A 186 -3.55 -4.71 8.57
N GLY A 187 -2.27 -4.99 8.28
CA GLY A 187 -1.34 -5.39 9.35
C GLY A 187 -1.05 -4.25 10.32
N ALA A 188 -0.83 -3.06 9.77
CA ALA A 188 -0.56 -1.90 10.61
C ALA A 188 -1.80 -1.53 11.41
N PHE A 189 -2.97 -1.63 10.79
CA PHE A 189 -4.19 -1.33 11.54
C PHE A 189 -4.40 -2.37 12.64
N ARG A 190 -4.05 -3.62 12.35
CA ARG A 190 -4.19 -4.70 13.34
C ARG A 190 -3.25 -4.42 14.51
N CYS A 191 -2.09 -3.90 14.19
CA CYS A 191 -1.08 -3.57 15.20
C CYS A 191 -1.66 -2.53 16.15
N LEU A 192 -2.49 -1.65 15.62
CA LEU A 192 -3.15 -0.65 16.45
C LEU A 192 -4.31 -1.27 17.23
N ALA A 193 -5.15 -2.01 16.51
CA ALA A 193 -6.32 -2.67 17.11
C ALA A 193 -5.95 -3.52 18.31
N GLU A 194 -4.85 -4.27 18.21
CA GLU A 194 -4.42 -5.13 19.31
C GLU A 194 -3.59 -4.38 20.35
N ASP A 195 -3.53 -3.06 20.19
CA ASP A 195 -2.82 -2.18 21.09
C ASP A 195 -1.34 -2.49 21.23
N VAL A 196 -0.74 -2.98 20.16
CA VAL A 196 0.69 -3.24 20.16
C VAL A 196 1.31 -1.86 19.96
N GLY A 197 0.62 -1.04 19.17
CA GLY A 197 1.08 0.30 18.90
C GLY A 197 0.08 1.35 19.35
N ASP A 198 0.53 2.60 19.46
CA ASP A 198 -0.34 3.70 19.87
C ASP A 198 -0.99 4.38 18.66
N VAL A 199 -0.30 4.34 17.53
CA VAL A 199 -0.80 4.97 16.32
C VAL A 199 -0.47 4.10 15.12
N ALA A 200 -1.36 4.13 14.13
CA ALA A 200 -1.14 3.38 12.89
C ALA A 200 -1.23 4.37 11.73
N PHE A 201 -0.29 4.27 10.82
CA PHE A 201 -0.27 5.13 9.65
C PHE A 201 -0.74 4.29 8.46
N VAL A 202 -2.00 4.50 8.11
CA VAL A 202 -2.63 3.76 7.02
C VAL A 202 -3.46 4.75 6.21
N LYS A 203 -4.46 4.23 5.50
CA LYS A 203 -5.32 5.13 4.73
C LYS A 203 -6.71 5.06 5.32
N ASN A 204 -7.54 6.02 4.94
CA ASN A 204 -8.91 6.12 5.40
C ASN A 204 -9.69 4.85 5.23
N ASP A 205 -9.56 4.31 4.05
CA ASP A 205 -10.34 3.14 3.70
C ASP A 205 -10.06 1.91 4.60
N THR A 206 -8.83 1.79 5.07
CA THR A 206 -8.45 0.67 5.93
C THR A 206 -9.29 0.58 7.22
N VAL A 207 -9.49 1.73 7.86
CA VAL A 207 -10.26 1.77 9.09
C VAL A 207 -11.69 1.27 8.85
N TRP A 208 -12.34 1.79 7.81
CA TRP A 208 -13.70 1.40 7.48
C TRP A 208 -13.86 -0.06 7.14
N GLU A 209 -12.97 -0.57 6.31
CA GLU A 209 -13.01 -1.95 5.88
C GLU A 209 -12.70 -3.00 6.95
N ASN A 210 -12.18 -2.57 8.10
CA ASN A 210 -11.86 -3.51 9.15
C ASN A 210 -12.58 -3.24 10.47
N THR A 211 -13.71 -2.57 10.40
CA THR A 211 -14.51 -2.26 11.58
C THR A 211 -15.99 -2.45 11.31
N ASN A 212 -16.78 -2.46 12.39
CA ASN A 212 -18.21 -2.61 12.30
C ASN A 212 -18.69 -3.75 11.40
N GLY A 213 -18.05 -4.91 11.51
CA GLY A 213 -18.46 -6.05 10.72
C GLY A 213 -18.02 -6.16 9.28
N GLU A 214 -17.28 -5.17 8.78
CA GLU A 214 -16.83 -5.22 7.39
C GLU A 214 -15.82 -6.36 7.19
N SER A 215 -15.16 -6.77 8.27
CA SER A 215 -14.20 -7.87 8.23
C SER A 215 -14.63 -8.88 9.28
N THR A 216 -14.68 -10.15 8.89
CA THR A 216 -15.08 -11.19 9.81
C THR A 216 -13.86 -11.82 10.47
N ALA A 217 -12.68 -11.40 10.02
CA ALA A 217 -11.44 -11.91 10.59
C ALA A 217 -11.53 -11.78 12.12
N ASP A 218 -10.97 -12.77 12.82
CA ASP A 218 -11.01 -12.80 14.27
C ASP A 218 -10.55 -11.55 15.04
N TRP A 219 -9.47 -10.91 14.60
CA TRP A 219 -8.97 -9.73 15.31
C TRP A 219 -9.79 -8.50 14.97
N ALA A 220 -10.49 -8.54 13.85
CA ALA A 220 -11.28 -7.40 13.41
C ALA A 220 -12.80 -7.49 13.60
N LYS A 221 -13.35 -8.69 13.69
CA LYS A 221 -14.80 -8.83 13.83
C LYS A 221 -15.48 -7.99 14.91
N ASN A 222 -14.77 -7.66 15.98
CA ASN A 222 -15.37 -6.87 17.07
C ASN A 222 -14.96 -5.40 17.13
N LEU A 223 -14.20 -4.96 16.14
CA LEU A 223 -13.76 -3.57 16.14
C LEU A 223 -14.90 -2.63 15.76
N LYS A 224 -15.03 -1.56 16.54
CA LYS A 224 -16.05 -0.54 16.34
C LYS A 224 -15.39 0.79 16.00
N ARG A 225 -15.85 1.41 14.91
CA ARG A 225 -15.30 2.69 14.46
C ARG A 225 -15.27 3.78 15.51
N GLU A 226 -16.26 3.78 16.39
CA GLU A 226 -16.35 4.77 17.44
C GLU A 226 -15.20 4.63 18.44
N ASP A 227 -14.53 3.49 18.42
CA ASP A 227 -13.41 3.27 19.32
C ASP A 227 -12.11 3.84 18.77
N PHE A 228 -12.17 4.41 17.56
CA PHE A 228 -10.99 4.99 16.93
C PHE A 228 -11.13 6.48 16.62
N ARG A 229 -9.99 7.15 16.52
CA ARG A 229 -9.94 8.58 16.20
C ARG A 229 -8.79 8.86 15.25
N LEU A 230 -8.96 9.89 14.43
CA LEU A 230 -7.93 10.31 13.50
C LEU A 230 -7.18 11.48 14.10
N LEU A 231 -5.88 11.55 13.84
CA LEU A 231 -5.08 12.65 14.33
C LEU A 231 -4.93 13.66 13.21
N CYS A 232 -5.41 14.90 13.41
CA CYS A 232 -5.28 15.91 12.37
C CYS A 232 -3.99 16.69 12.61
N LEU A 233 -3.44 17.26 11.55
CA LEU A 233 -2.19 18.02 11.67
C LEU A 233 -2.26 19.25 12.58
N ASP A 234 -3.45 19.79 12.80
CA ASP A 234 -3.58 20.96 13.66
C ASP A 234 -3.68 20.59 15.15
N GLY A 235 -3.34 19.35 15.47
CA GLY A 235 -3.39 18.90 16.85
C GLY A 235 -4.71 18.40 17.38
N THR A 236 -5.77 18.43 16.56
CA THR A 236 -7.07 17.95 17.02
C THR A 236 -7.26 16.48 16.69
N ARG A 237 -8.30 15.89 17.26
CA ARG A 237 -8.65 14.48 17.04
C ARG A 237 -10.07 14.45 16.50
N LYS A 238 -10.32 13.63 15.49
CA LYS A 238 -11.66 13.55 14.93
C LYS A 238 -12.14 12.13 14.67
N PRO A 239 -13.47 11.95 14.62
CA PRO A 239 -14.06 10.63 14.36
C PRO A 239 -13.56 10.19 12.98
N VAL A 240 -13.49 8.89 12.75
CA VAL A 240 -12.98 8.40 11.48
C VAL A 240 -13.88 8.72 10.29
N THR A 241 -15.00 9.39 10.55
CA THR A 241 -15.92 9.77 9.48
C THR A 241 -15.49 11.12 8.89
N GLU A 242 -14.51 11.74 9.53
CA GLU A 242 -14.03 13.05 9.09
C GLU A 242 -12.68 13.03 8.39
N ALA A 243 -12.30 11.92 7.79
CA ALA A 243 -11.00 11.83 7.13
C ALA A 243 -10.79 12.96 6.11
N GLN A 244 -11.85 13.45 5.49
CA GLN A 244 -11.73 14.53 4.50
C GLN A 244 -11.19 15.79 5.09
N SER A 245 -11.45 16.02 6.36
CA SER A 245 -10.92 17.19 7.01
C SER A 245 -9.84 16.87 8.02
N CYS A 246 -9.39 15.65 8.05
CA CYS A 246 -8.41 15.24 9.04
C CYS A 246 -7.51 14.12 8.51
N HIS A 247 -6.70 14.43 7.50
CA HIS A 247 -5.77 13.48 6.90
C HIS A 247 -4.38 14.13 6.84
N LEU A 248 -3.37 13.34 6.56
CA LEU A 248 -2.00 13.83 6.50
C LEU A 248 -1.66 14.24 5.08
N ALA A 249 -2.35 13.62 4.13
CA ALA A 249 -2.11 13.92 2.71
C ALA A 249 -2.98 13.05 1.81
N VAL A 250 -3.00 13.40 0.53
CA VAL A 250 -3.73 12.64 -0.47
C VAL A 250 -2.63 11.87 -1.18
N ALA A 251 -2.76 10.55 -1.22
CA ALA A 251 -1.74 9.74 -1.83
C ALA A 251 -2.09 9.27 -3.23
N PRO A 252 -1.09 9.13 -4.11
CA PRO A 252 -1.45 8.66 -5.45
C PRO A 252 -1.81 7.16 -5.39
N ASN A 253 -2.87 6.77 -6.10
CA ASN A 253 -3.33 5.40 -6.15
C ASN A 253 -2.22 4.43 -6.49
N HIS A 254 -2.31 3.22 -5.95
CA HIS A 254 -1.34 2.20 -6.28
C HIS A 254 -1.50 1.96 -7.77
N ALA A 255 -0.40 1.61 -8.44
CA ALA A 255 -0.51 1.38 -9.87
C ALA A 255 0.43 0.26 -10.35
N VAL A 256 0.11 -0.27 -11.52
CA VAL A 256 0.92 -1.32 -12.12
C VAL A 256 2.11 -0.68 -12.86
N VAL A 257 3.31 -1.21 -12.67
CA VAL A 257 4.47 -0.69 -13.37
C VAL A 257 5.11 -1.82 -14.14
N SER A 258 5.83 -1.47 -15.19
CA SER A 258 6.50 -2.46 -15.99
C SER A 258 7.61 -1.75 -16.71
N ARG A 259 8.43 -2.51 -17.43
CA ARG A 259 9.46 -1.90 -18.22
C ARG A 259 8.74 -1.16 -19.32
N SER A 260 9.33 -0.05 -19.74
CA SER A 260 8.75 0.74 -20.80
C SER A 260 8.52 -0.10 -22.05
N ASP A 261 9.49 -0.93 -22.42
CA ASP A 261 9.36 -1.74 -23.62
C ASP A 261 8.30 -2.85 -23.55
N ARG A 262 7.72 -3.07 -22.37
CA ARG A 262 6.69 -4.09 -22.20
C ARG A 262 5.33 -3.49 -21.80
N ALA A 263 5.34 -2.19 -21.50
CA ALA A 263 4.13 -1.48 -21.06
C ALA A 263 2.86 -1.69 -21.89
N ALA A 264 2.97 -1.46 -23.20
CA ALA A 264 1.81 -1.60 -24.08
C ALA A 264 1.20 -2.99 -24.00
N HIS A 265 2.06 -3.99 -23.99
CA HIS A 265 1.62 -5.38 -23.93
C HIS A 265 1.02 -5.73 -22.57
N VAL A 266 1.66 -5.30 -21.50
CA VAL A 266 1.16 -5.57 -20.16
C VAL A 266 -0.25 -4.97 -20.02
N GLU A 267 -0.41 -3.75 -20.52
CA GLU A 267 -1.68 -3.06 -20.46
C GLU A 267 -2.78 -3.85 -21.18
N GLN A 268 -2.47 -4.30 -22.39
CA GLN A 268 -3.41 -5.07 -23.21
C GLN A 268 -3.93 -6.28 -22.45
N VAL A 269 -3.00 -7.08 -21.95
CA VAL A 269 -3.34 -8.29 -21.21
C VAL A 269 -4.15 -8.00 -19.95
N LEU A 270 -3.74 -7.00 -19.17
CA LEU A 270 -4.47 -6.67 -17.95
C LEU A 270 -5.90 -6.22 -18.22
N LEU A 271 -6.09 -5.37 -19.23
CA LEU A 271 -7.43 -4.92 -19.54
C LEU A 271 -8.32 -6.13 -19.83
N HIS A 272 -7.77 -7.11 -20.54
CA HIS A 272 -8.52 -8.32 -20.86
C HIS A 272 -8.71 -9.20 -19.64
N GLN A 273 -7.68 -9.29 -18.80
CA GLN A 273 -7.77 -10.11 -17.60
C GLN A 273 -8.83 -9.60 -16.63
N GLN A 274 -8.99 -8.29 -16.53
CA GLN A 274 -10.00 -7.78 -15.62
C GLN A 274 -11.41 -7.94 -16.16
N ALA A 275 -11.53 -8.04 -17.48
CA ALA A 275 -12.84 -8.23 -18.09
C ALA A 275 -13.32 -9.60 -17.62
N LEU A 276 -12.38 -10.50 -17.43
CA LEU A 276 -12.64 -11.87 -17.00
C LEU A 276 -12.75 -12.06 -15.48
N PHE A 277 -11.79 -11.50 -14.74
CA PHE A 277 -11.75 -11.69 -13.30
C PHE A 277 -11.94 -10.46 -12.41
N GLY A 278 -12.14 -9.29 -13.01
CA GLY A 278 -12.34 -8.10 -12.19
C GLY A 278 -13.75 -8.07 -11.64
N LYS A 279 -14.18 -6.88 -11.21
CA LYS A 279 -15.52 -6.71 -10.67
C LYS A 279 -16.54 -6.85 -11.80
N ASN A 280 -17.48 -7.78 -11.63
CA ASN A 280 -18.50 -8.06 -12.65
C ASN A 280 -17.87 -8.89 -13.76
N GLY A 281 -16.60 -9.23 -13.60
CA GLY A 281 -15.90 -10.00 -14.61
C GLY A 281 -16.64 -11.28 -14.97
N LYS A 282 -16.50 -11.72 -16.23
CA LYS A 282 -17.16 -12.93 -16.69
C LYS A 282 -16.99 -14.12 -15.76
N ASN A 283 -15.79 -14.28 -15.19
CA ASN A 283 -15.52 -15.43 -14.33
C ASN A 283 -15.40 -15.16 -12.83
N CYS A 284 -15.76 -13.96 -12.40
CA CYS A 284 -15.72 -13.65 -10.97
C CYS A 284 -17.17 -13.37 -10.57
N PRO A 285 -17.64 -13.97 -9.47
CA PRO A 285 -17.00 -14.88 -8.51
C PRO A 285 -16.89 -16.38 -8.84
N ASP A 286 -17.64 -16.87 -9.83
CA ASP A 286 -17.59 -18.31 -10.16
C ASP A 286 -16.21 -18.98 -10.14
N LYS A 287 -15.25 -18.42 -10.88
CA LYS A 287 -13.92 -19.02 -10.93
C LYS A 287 -12.82 -18.31 -10.14
N PHE A 288 -12.58 -17.04 -10.44
CA PHE A 288 -11.52 -16.30 -9.77
C PHE A 288 -11.78 -14.80 -9.78
N CYS A 289 -11.52 -14.16 -8.65
CA CYS A 289 -11.68 -12.72 -8.55
C CYS A 289 -10.32 -12.10 -8.29
N LEU A 290 -9.82 -11.36 -9.27
CA LEU A 290 -8.52 -10.72 -9.19
C LEU A 290 -8.39 -9.71 -8.03
N PHE A 291 -9.48 -9.04 -7.69
CA PHE A 291 -9.42 -8.03 -6.64
C PHE A 291 -9.93 -8.46 -5.27
N LYS A 292 -9.91 -9.76 -5.01
CA LYS A 292 -10.34 -10.28 -3.70
C LYS A 292 -9.25 -11.19 -3.11
N SER A 293 -9.15 -11.20 -1.79
CA SER A 293 -8.16 -12.01 -1.10
C SER A 293 -8.43 -11.94 0.41
N GLU A 294 -9.72 -11.89 0.75
CA GLU A 294 -10.16 -11.82 2.14
C GLU A 294 -9.38 -10.77 2.94
N THR A 295 -9.57 -9.51 2.53
CA THR A 295 -8.95 -8.33 3.13
C THR A 295 -7.44 -8.30 3.24
N LYS A 296 -6.77 -9.29 2.66
CA LYS A 296 -5.31 -9.33 2.75
C LYS A 296 -4.62 -8.48 1.69
N ASN A 297 -5.41 -7.91 0.79
CA ASN A 297 -4.89 -7.04 -0.27
C ASN A 297 -3.72 -7.67 -1.01
N LEU A 298 -3.90 -8.90 -1.51
CA LEU A 298 -2.84 -9.59 -2.24
C LEU A 298 -2.86 -9.23 -3.72
N LEU A 299 -1.71 -8.77 -4.22
CA LEU A 299 -1.53 -8.36 -5.62
C LEU A 299 -2.19 -7.01 -5.91
N PHE A 300 -3.42 -6.85 -5.43
CA PHE A 300 -4.18 -5.61 -5.60
C PHE A 300 -4.94 -5.36 -4.31
N ASN A 301 -5.28 -4.10 -4.05
CA ASN A 301 -6.07 -3.80 -2.87
C ASN A 301 -7.45 -4.42 -3.12
N ASP A 302 -8.03 -5.00 -2.08
CA ASP A 302 -9.34 -5.63 -2.21
C ASP A 302 -10.46 -4.67 -2.57
N ASN A 303 -10.27 -3.38 -2.32
CA ASN A 303 -11.31 -2.40 -2.63
C ASN A 303 -11.19 -1.85 -4.06
N THR A 304 -10.39 -2.49 -4.89
CA THR A 304 -10.21 -2.03 -6.26
C THR A 304 -11.39 -2.42 -7.15
N GLU A 305 -11.98 -1.43 -7.82
CA GLU A 305 -13.11 -1.72 -8.71
C GLU A 305 -12.57 -2.13 -10.07
N CYS A 306 -11.48 -1.49 -10.50
CA CYS A 306 -10.88 -1.79 -11.78
C CYS A 306 -9.52 -1.13 -11.89
N LEU A 307 -8.78 -1.50 -12.93
CA LEU A 307 -7.50 -0.88 -13.21
C LEU A 307 -7.83 0.13 -14.30
N ALA A 308 -7.48 1.40 -14.09
CA ALA A 308 -7.82 2.45 -15.03
C ALA A 308 -6.68 2.95 -15.91
N LYS A 309 -7.02 3.26 -17.16
CA LYS A 309 -6.04 3.79 -18.09
C LYS A 309 -5.62 5.14 -17.56
N LEU A 310 -4.36 5.49 -17.80
CA LEU A 310 -3.83 6.75 -17.32
C LEU A 310 -3.97 7.85 -18.36
N GLY A 311 -4.16 9.07 -17.90
CA GLY A 311 -4.28 10.19 -18.81
C GLY A 311 -2.93 10.82 -19.09
N GLY A 312 -2.66 11.09 -20.36
CA GLY A 312 -1.41 11.73 -20.73
C GLY A 312 -0.15 10.89 -20.69
N ARG A 313 -0.27 9.57 -20.79
CA ARG A 313 0.92 8.71 -20.76
C ARG A 313 1.96 9.33 -19.84
N PRO A 314 1.61 9.47 -18.55
CA PRO A 314 2.47 10.06 -17.53
C PRO A 314 3.75 9.30 -17.19
N THR A 315 4.80 10.08 -16.92
CA THR A 315 6.07 9.51 -16.51
C THR A 315 5.77 9.21 -15.03
N TYR A 316 6.67 8.51 -14.35
CA TYR A 316 6.41 8.21 -12.96
C TYR A 316 6.32 9.49 -12.12
N GLU A 317 7.08 10.52 -12.50
CA GLU A 317 7.04 11.77 -11.75
C GLU A 317 5.71 12.49 -11.95
N GLU A 318 5.16 12.43 -13.16
CA GLU A 318 3.87 13.06 -13.43
C GLU A 318 2.77 12.29 -12.73
N TYR A 319 2.86 10.97 -12.73
CA TYR A 319 1.85 10.15 -12.08
C TYR A 319 1.83 10.40 -10.56
N LEU A 320 3.01 10.48 -9.96
CA LEU A 320 3.09 10.70 -8.52
C LEU A 320 2.79 12.15 -8.14
N GLY A 321 3.09 13.09 -9.03
CA GLY A 321 2.87 14.49 -8.72
C GLY A 321 4.18 15.09 -8.20
N THR A 322 4.49 16.29 -8.65
CA THR A 322 5.72 16.96 -8.26
C THR A 322 5.91 17.13 -6.75
N GLU A 323 4.86 17.52 -6.04
CA GLU A 323 4.95 17.70 -4.59
C GLU A 323 5.40 16.44 -3.86
N TYR A 324 4.73 15.32 -4.14
CA TYR A 324 5.06 14.06 -3.51
C TYR A 324 6.48 13.63 -3.87
N VAL A 325 6.83 13.76 -5.14
CA VAL A 325 8.17 13.39 -5.58
C VAL A 325 9.21 14.18 -4.79
N THR A 326 8.98 15.47 -4.59
CA THR A 326 9.94 16.28 -3.86
C THR A 326 9.90 15.91 -2.37
N ALA A 327 8.72 15.54 -1.87
CA ALA A 327 8.63 15.17 -0.46
C ALA A 327 9.49 13.91 -0.24
N ILE A 328 9.39 12.94 -1.15
CA ILE A 328 10.17 11.72 -1.03
C ILE A 328 11.66 12.06 -1.13
N ALA A 329 12.00 12.87 -2.12
CA ALA A 329 13.39 13.28 -2.33
C ALA A 329 13.96 13.85 -1.05
N ASN A 330 13.23 14.80 -0.46
CA ASN A 330 13.66 15.44 0.78
C ASN A 330 13.88 14.44 1.91
N LEU A 331 12.93 13.52 2.09
CA LEU A 331 13.04 12.52 3.15
C LEU A 331 14.24 11.61 2.91
N LYS A 332 14.42 11.22 1.65
CA LYS A 332 15.53 10.34 1.28
C LYS A 332 16.89 10.93 1.65
N LYS A 333 16.94 12.26 1.81
CA LYS A 333 18.20 12.92 2.16
C LYS A 333 18.70 12.46 3.52
N CYS A 334 17.77 11.99 4.34
CA CYS A 334 18.06 11.51 5.68
C CYS A 334 18.81 10.18 5.69
N SER A 335 18.55 9.33 4.71
CA SER A 335 19.21 8.02 4.63
C SER A 335 20.26 7.97 3.54
N LEU B 1 20.65 9.98 -4.46
CA LEU B 1 19.53 10.90 -4.30
C LEU B 1 18.99 11.30 -5.67
N GLU B 2 19.30 10.49 -6.70
CA GLU B 2 18.81 10.79 -8.05
C GLU B 2 18.96 9.70 -9.13
N ALA B 3 19.76 8.67 -8.88
CA ALA B 3 19.92 7.58 -9.84
C ALA B 3 19.23 6.33 -9.30
N CYS B 4 19.24 5.23 -10.04
CA CYS B 4 18.58 4.00 -9.58
C CYS B 4 19.28 3.38 -8.37
N ALA B 5 18.49 3.13 -7.32
CA ALA B 5 19.02 2.55 -6.10
C ALA B 5 19.43 1.08 -6.23
N PHE B 6 19.60 0.65 -7.48
CA PHE B 6 20.02 -0.70 -7.78
C PHE B 6 21.02 -0.58 -8.94
C1 NAG C . 9.27 18.82 4.02
C2 NAG C . 8.14 18.59 3.03
C3 NAG C . 8.51 18.88 1.57
C4 NAG C . 9.18 20.23 1.45
C5 NAG C . 10.30 20.29 2.44
C6 NAG C . 10.88 21.69 2.38
C7 NAG C . 6.53 16.92 3.41
C8 NAG C . 6.22 15.48 3.35
N2 NAG C . 7.77 17.22 3.18
O3 NAG C . 7.36 18.82 0.74
O4 NAG C . 9.81 20.36 0.18
O5 NAG C . 9.82 20.06 3.74
O6 NAG C . 9.82 22.65 2.40
O7 NAG C . 5.71 17.76 3.63
C1 NAG C . 9.40 21.55 -0.51
C2 NAG C . 10.42 21.91 -1.58
C3 NAG C . 9.99 23.05 -2.47
C4 NAG C . 8.58 22.85 -2.97
C5 NAG C . 7.70 22.58 -1.74
C6 NAG C . 6.22 22.43 -2.00
C7 NAG C . 12.80 21.66 -1.21
C8 NAG C . 13.86 21.89 -0.21
N2 NAG C . 11.67 22.28 -0.99
O3 NAG C . 10.86 23.15 -3.58
O4 NAG C . 8.22 23.98 -3.77
O5 NAG C . 8.16 21.38 -1.13
O6 NAG C . 5.97 21.25 -2.76
O7 NAG C . 12.99 20.95 -2.16
C1 NAG D . -13.26 6.45 3.53
C2 NAG D . -14.26 7.21 2.70
C3 NAG D . -15.66 6.64 2.73
C4 NAG D . -15.67 5.20 2.28
C5 NAG D . -14.70 4.53 3.24
C6 NAG D . -14.56 3.07 2.89
C7 NAG D . -13.60 9.48 2.44
C8 NAG D . -13.61 10.83 3.00
N2 NAG D . -14.25 8.57 3.11
O3 NAG D . -16.41 7.45 1.87
O4 NAG D . -16.97 4.53 2.30
O5 NAG D . -13.40 5.09 3.22
O6 NAG D . -13.89 2.97 1.65
O7 NAG D . -13.04 9.24 1.43
C1 NAG D . -17.31 3.76 1.16
C2 NAG D . -18.51 3.01 1.76
C3 NAG D . -19.51 2.65 0.63
C4 NAG D . -19.85 3.89 -0.24
C5 NAG D . -18.52 4.47 -0.73
C6 NAG D . -18.58 5.61 -1.76
C7 NAG D . -18.15 1.47 3.63
C8 NAG D . -17.59 0.13 4.06
N2 NAG D . -18.00 1.78 2.34
O3 NAG D . -20.71 2.11 1.19
O4 NAG D . -20.64 3.49 -1.34
O5 NAG D . -17.75 4.90 0.39
O6 NAG D . -18.50 6.89 -1.14
O7 NAG D . -18.72 2.21 4.45
C1 NAG E . -5.61 -16.28 -23.13
C2 NAG E . -7.09 -16.00 -23.21
C3 NAG E . -7.58 -16.31 -24.63
C4 NAG E . -6.85 -15.40 -25.59
C5 NAG E . -5.36 -15.54 -25.38
C6 NAG E . -4.68 -14.43 -26.18
C7 NAG E . -7.87 -16.49 -20.94
C8 NAG E . -8.79 -17.42 -20.23
N2 NAG E . -7.75 -16.80 -22.23
O3 NAG E . -8.96 -16.05 -24.80
O4 NAG E . -7.18 -15.72 -26.94
O5 NAG E . -5.05 -15.37 -24.03
O6 NAG E . -5.41 -13.20 -26.03
O7 NAG E . -7.30 -15.57 -20.38
FE FE F . -0.27 2.95 -0.33
ZN ZN G . 3.70 14.00 -19.68
ZN ZN H . -5.92 17.60 2.05
C CO3 I . 0.90 2.85 1.99
O1 CO3 I . 0.79 1.76 1.29
O2 CO3 I . 0.47 3.98 1.51
O3 CO3 I . 1.43 2.82 3.16
S SO4 J . -11.91 12.37 21.66
O1 SO4 J . -11.19 13.03 20.55
O2 SO4 J . -12.29 13.38 22.67
O3 SO4 J . -13.14 11.73 21.13
O4 SO4 J . -11.05 11.35 22.27
O1 NPU K . -2.35 11.33 -11.60
C2 NPU K . -1.10 13.32 -8.69
N2 NPU K . -0.69 13.50 -11.06
CA2 NPU K . -1.66 13.08 -10.07
CB2 NPU K . -1.98 11.58 -10.28
CD3 NPU K . -4.21 11.20 -8.85
CD4 NPU K . -2.61 9.43 -9.06
CE3 NPU K . -5.04 10.40 -8.04
CE4 NPU K . -3.41 8.60 -8.27
CG2 NPU K . -2.95 10.77 -9.38
CZ2 NPU K . -4.63 9.08 -7.76
#